data_5Z8B
#
_entry.id   5Z8B
#
_cell.length_a   38.409
_cell.length_b   70.862
_cell.length_c   147.410
_cell.angle_alpha   90.00
_cell.angle_beta   90.00
_cell.angle_gamma   90.00
#
_symmetry.space_group_name_H-M   'P 21 21 21'
#
loop_
_entity.id
_entity.type
_entity.pdbx_description
1 polymer 'KfiA protein'
2 water water
#
_entity_poly.entity_id   1
_entity_poly.type   'polypeptide(L)'
_entity_poly.pdbx_seq_one_letter_code
;GSHMMIVANMSSYPPRKKELVHSIQSLHAQVDKINLCLNEFEEIPEELDGFSKLNPVIPDKDYKDVGKFIFPCAKNDMIV
LTDDDIIYPPDYVEKMLNFYNSFAIFNCIVGIHGCIYIDAFDGDQSKRKVFSFTQGLLRPRVVNQLGTGTVFLKADQLPS
LKYMDGSQRFVDVRFSRYMLENEIGMICVPREKNWLREVSSGSMEGLWNTFTKKWPLDIIKETQAIAGYSKLNLELVYNV
EG
;
_entity_poly.pdbx_strand_id   A,B
#
# COMPACT_ATOMS: atom_id res chain seq x y z
N MET A 5 -10.00 -4.22 6.58
CA MET A 5 -8.70 -4.60 7.20
C MET A 5 -7.85 -5.40 6.20
N ILE A 6 -6.55 -5.12 6.12
CA ILE A 6 -5.60 -5.96 5.36
C ILE A 6 -5.07 -7.05 6.26
N VAL A 7 -5.32 -8.31 5.93
CA VAL A 7 -4.97 -9.40 6.84
C VAL A 7 -4.01 -10.38 6.17
N ALA A 8 -2.90 -10.69 6.82
CA ALA A 8 -1.96 -11.66 6.30
C ALA A 8 -2.13 -13.02 6.98
N ASN A 9 -2.10 -14.09 6.18
CA ASN A 9 -2.23 -15.46 6.72
C ASN A 9 -1.00 -16.28 6.40
N MET A 10 -0.45 -16.90 7.43
CA MET A 10 0.86 -17.56 7.35
C MET A 10 0.81 -18.87 8.13
N SER A 11 1.68 -19.80 7.76
CA SER A 11 1.97 -20.98 8.60
C SER A 11 3.46 -21.31 8.62
N SER A 12 3.94 -21.79 9.76
CA SER A 12 5.33 -22.25 9.89
C SER A 12 5.38 -23.51 10.75
N TYR A 13 6.58 -24.02 10.98
CA TYR A 13 6.82 -25.07 11.97
C TYR A 13 8.23 -24.83 12.56
N PRO A 14 8.59 -25.49 13.68
CA PRO A 14 9.74 -25.04 14.46
C PRO A 14 11.08 -24.80 13.76
N PRO A 15 11.52 -25.74 12.93
CA PRO A 15 12.84 -25.47 12.36
C PRO A 15 12.94 -24.22 11.46
N ARG A 16 11.81 -23.65 11.04
CA ARG A 16 11.82 -22.42 10.25
C ARG A 16 11.77 -21.14 11.06
N LYS A 17 12.00 -21.19 12.37
CA LYS A 17 11.74 -20.04 13.25
C LYS A 17 12.51 -18.74 12.90
N LYS A 18 13.77 -18.89 12.50
CA LYS A 18 14.58 -17.75 12.14
C LYS A 18 13.99 -17.08 10.91
N GLU A 19 13.55 -17.88 9.94
CA GLU A 19 12.99 -17.33 8.69
C GLU A 19 11.67 -16.59 8.92
N LEU A 20 10.77 -17.26 9.63
CA LEU A 20 9.50 -16.71 10.09
C LEU A 20 9.60 -15.30 10.70
N VAL A 21 10.57 -15.08 11.57
CA VAL A 21 10.65 -13.82 12.31
C VAL A 21 10.84 -12.65 11.37
N HIS A 22 11.67 -12.88 10.35
CA HIS A 22 12.04 -11.91 9.34
C HIS A 22 10.93 -11.73 8.31
N SER A 23 10.27 -12.81 7.96
CA SER A 23 9.10 -12.74 7.12
C SER A 23 8.01 -11.88 7.76
N ILE A 24 7.71 -12.12 9.03
CA ILE A 24 6.76 -11.29 9.74
C ILE A 24 7.25 -9.82 9.78
N GLN A 25 8.51 -9.61 10.15
CA GLN A 25 9.06 -8.25 10.22
C GLN A 25 8.75 -7.44 8.97
N SER A 26 9.02 -8.02 7.81
CA SER A 26 8.80 -7.37 6.52
C SER A 26 7.33 -7.04 6.28
N LEU A 27 6.42 -7.83 6.86
CA LEU A 27 4.98 -7.63 6.69
C LEU A 27 4.32 -6.70 7.68
N HIS A 28 4.94 -6.52 8.85
CA HIS A 28 4.23 -6.00 10.02
C HIS A 28 3.72 -4.58 9.88
N ALA A 29 4.59 -3.71 9.38
CA ALA A 29 4.28 -2.32 9.16
C ALA A 29 3.10 -2.14 8.24
N GLN A 30 2.94 -3.02 7.25
CA GLN A 30 2.05 -2.76 6.13
C GLN A 30 0.72 -3.54 6.10
N VAL A 31 0.53 -4.45 7.05
CA VAL A 31 -0.74 -5.19 7.18
C VAL A 31 -1.35 -4.81 8.50
N ASP A 32 -2.65 -5.04 8.64
CA ASP A 32 -3.37 -4.71 9.88
C ASP A 32 -3.39 -5.84 10.92
N LYS A 33 -2.92 -7.03 10.54
CA LYS A 33 -3.10 -8.23 11.37
C LYS A 33 -2.44 -9.41 10.68
N ILE A 34 -1.83 -10.30 11.48
CA ILE A 34 -1.19 -11.50 10.98
C ILE A 34 -1.71 -12.70 11.73
N ASN A 35 -2.34 -13.62 11.00
CA ASN A 35 -2.72 -14.93 11.53
C ASN A 35 -1.61 -15.90 11.26
N LEU A 36 -1.18 -16.60 12.31
CA LEU A 36 -0.03 -17.49 12.22
C LEU A 36 -0.39 -18.85 12.76
N CYS A 37 -0.31 -19.84 11.88
CA CYS A 37 -0.56 -21.20 12.24
C CYS A 37 0.77 -21.84 12.60
N LEU A 38 1.01 -21.96 13.90
CA LEU A 38 2.22 -22.57 14.44
C LEU A 38 2.08 -24.08 14.47
N ASN A 39 2.26 -24.73 13.32
CA ASN A 39 2.31 -26.21 13.22
C ASN A 39 3.40 -26.84 14.09
N GLU A 40 3.02 -27.79 14.96
CA GLU A 40 3.96 -28.61 15.73
C GLU A 40 4.81 -27.92 16.81
N PHE A 41 4.53 -26.65 17.08
CA PHE A 41 5.09 -25.98 18.26
C PHE A 41 4.40 -26.52 19.53
N GLU A 42 5.06 -26.37 20.69
CA GLU A 42 4.45 -26.73 21.98
C GLU A 42 3.89 -25.46 22.58
N GLU A 43 4.74 -24.44 22.68
CA GLU A 43 4.37 -23.10 23.10
C GLU A 43 4.54 -22.12 21.95
N ILE A 44 3.89 -20.98 22.09
CA ILE A 44 4.12 -19.79 21.26
C ILE A 44 5.51 -19.25 21.63
N PRO A 45 6.48 -19.25 20.69
CA PRO A 45 7.84 -18.79 21.05
C PRO A 45 7.94 -17.31 21.39
N GLU A 46 8.76 -16.94 22.37
CA GLU A 46 8.86 -15.54 22.81
C GLU A 46 9.64 -14.62 21.86
N GLU A 47 10.20 -15.20 20.81
CA GLU A 47 10.75 -14.46 19.65
C GLU A 47 9.64 -13.67 18.93
N LEU A 48 8.39 -14.09 19.09
CA LEU A 48 7.26 -13.45 18.44
C LEU A 48 6.64 -12.34 19.26
N ASP A 49 7.13 -12.12 20.48
CA ASP A 49 6.54 -11.11 21.37
C ASP A 49 6.55 -9.67 20.85
N GLY A 50 7.46 -9.30 19.97
CA GLY A 50 7.50 -7.93 19.42
C GLY A 50 6.31 -7.47 18.55
N PHE A 51 5.50 -8.42 18.09
CA PHE A 51 4.50 -8.12 17.07
C PHE A 51 3.11 -7.95 17.67
N SER A 52 2.63 -6.70 17.69
CA SER A 52 1.33 -6.39 18.28
C SER A 52 0.20 -6.99 17.42
N LYS A 53 0.27 -6.79 16.11
CA LYS A 53 -0.69 -7.35 15.13
C LYS A 53 -0.77 -8.90 15.02
N LEU A 54 0.23 -9.59 15.53
CA LEU A 54 0.34 -11.02 15.33
C LEU A 54 -0.68 -11.81 16.14
N ASN A 55 -1.27 -12.82 15.53
CA ASN A 55 -2.24 -13.71 16.16
C ASN A 55 -1.85 -15.19 15.94
N PRO A 56 -1.11 -15.77 16.89
CA PRO A 56 -0.59 -17.12 16.71
C PRO A 56 -1.47 -18.21 17.30
N VAL A 57 -1.57 -19.32 16.57
CA VAL A 57 -2.41 -20.44 16.94
C VAL A 57 -1.67 -21.75 16.74
N ILE A 58 -1.64 -22.57 17.78
CA ILE A 58 -1.09 -23.92 17.71
C ILE A 58 -2.22 -24.87 17.32
N PRO A 59 -2.24 -25.32 16.06
CA PRO A 59 -3.38 -26.08 15.57
C PRO A 59 -3.50 -27.49 16.20
N ASP A 60 -4.71 -28.03 16.24
CA ASP A 60 -5.01 -29.40 16.69
C ASP A 60 -4.41 -30.53 15.84
N LYS A 61 -3.96 -30.22 14.63
CA LYS A 61 -3.12 -31.16 13.87
C LYS A 61 -2.12 -30.40 13.04
N ASP A 62 -1.16 -31.15 12.51
CA ASP A 62 -0.20 -30.60 11.56
C ASP A 62 -0.94 -30.46 10.24
N TYR A 63 -1.29 -29.21 9.89
CA TYR A 63 -1.79 -28.89 8.55
C TYR A 63 -0.68 -28.60 7.54
N LYS A 64 0.56 -28.37 7.99
CA LYS A 64 1.64 -27.89 7.12
C LYS A 64 1.13 -26.62 6.42
N ASP A 65 1.28 -26.45 5.12
CA ASP A 65 0.97 -25.13 4.53
C ASP A 65 -0.48 -24.96 4.06
N VAL A 66 -1.31 -25.95 4.32
CA VAL A 66 -2.77 -25.71 4.46
C VAL A 66 -3.07 -24.82 5.68
N GLY A 67 -2.18 -24.82 6.67
CA GLY A 67 -2.29 -24.03 7.88
C GLY A 67 -2.66 -22.58 7.74
N LYS A 68 -2.21 -21.95 6.65
CA LYS A 68 -2.58 -20.56 6.39
C LYS A 68 -4.09 -20.37 6.17
N PHE A 69 -4.80 -21.45 5.78
CA PHE A 69 -6.27 -21.43 5.55
C PHE A 69 -7.17 -21.82 6.73
N ILE A 70 -6.63 -21.88 7.94
CA ILE A 70 -7.45 -22.24 9.11
C ILE A 70 -8.23 -21.05 9.71
N PHE A 71 -7.90 -19.83 9.31
CA PHE A 71 -8.37 -18.65 10.04
C PHE A 71 -9.66 -18.05 9.47
N PRO A 72 -10.66 -17.75 10.34
CA PRO A 72 -11.80 -16.92 9.92
C PRO A 72 -11.42 -15.48 9.50
N CYS A 73 -12.23 -14.94 8.60
CA CYS A 73 -12.13 -13.57 8.12
C CYS A 73 -13.40 -12.82 8.42
N ALA A 74 -13.33 -11.53 8.15
CA ALA A 74 -14.47 -10.66 8.15
C ALA A 74 -14.89 -10.42 6.69
N LYS A 75 -16.17 -10.08 6.53
CA LYS A 75 -16.79 -9.87 5.23
C LYS A 75 -15.96 -8.98 4.30
N ASN A 76 -15.34 -7.95 4.87
CA ASN A 76 -14.65 -6.96 4.05
C ASN A 76 -13.13 -7.01 4.07
N ASP A 77 -12.55 -8.09 4.60
CA ASP A 77 -11.09 -8.18 4.66
C ASP A 77 -10.47 -8.45 3.29
N MET A 78 -9.28 -7.92 3.12
CA MET A 78 -8.41 -8.27 2.02
C MET A 78 -7.35 -9.16 2.61
N ILE A 79 -7.25 -10.38 2.09
CA ILE A 79 -6.36 -11.39 2.61
C ILE A 79 -5.11 -11.49 1.76
N VAL A 80 -3.99 -11.51 2.45
CA VAL A 80 -2.67 -11.67 1.88
C VAL A 80 -2.22 -13.07 2.34
N LEU A 81 -2.06 -13.97 1.40
CA LEU A 81 -1.59 -15.32 1.72
C LEU A 81 -0.09 -15.29 1.55
N THR A 82 0.63 -15.66 2.58
CA THR A 82 2.08 -15.49 2.63
C THR A 82 2.78 -16.81 2.91
N ASP A 83 4.09 -16.79 2.71
CA ASP A 83 4.96 -17.88 3.16
C ASP A 83 5.88 -17.41 4.26
N ASP A 84 6.39 -18.39 5.00
CA ASP A 84 7.18 -18.10 6.18
C ASP A 84 8.66 -17.78 5.91
N ASP A 85 9.06 -17.74 4.64
CA ASP A 85 10.44 -17.48 4.31
C ASP A 85 10.58 -16.57 3.14
N ILE A 86 9.67 -15.62 3.02
CA ILE A 86 9.77 -14.62 1.99
C ILE A 86 9.93 -13.30 2.67
N ILE A 87 10.91 -12.52 2.18
CA ILE A 87 11.02 -11.12 2.58
C ILE A 87 10.22 -10.25 1.62
N TYR A 88 9.11 -9.76 2.14
CA TYR A 88 8.19 -8.95 1.39
C TYR A 88 8.74 -7.53 1.26
N PRO A 89 8.57 -6.91 0.09
CA PRO A 89 9.10 -5.56 -0.05
C PRO A 89 8.32 -4.59 0.82
N PRO A 90 8.87 -3.38 1.05
CA PRO A 90 8.23 -2.29 1.79
C PRO A 90 6.89 -1.83 1.24
N ASP A 91 6.73 -1.93 -0.08
CA ASP A 91 5.55 -1.47 -0.85
C ASP A 91 4.73 -2.66 -1.39
N TYR A 92 4.89 -3.83 -0.77
CA TYR A 92 4.19 -5.02 -1.20
C TYR A 92 2.68 -4.76 -1.20
N VAL A 93 2.12 -4.39 -0.06
CA VAL A 93 0.65 -4.24 0.08
C VAL A 93 0.11 -3.09 -0.76
N GLU A 94 0.72 -1.91 -0.66
CA GLU A 94 0.38 -0.77 -1.56
C GLU A 94 0.28 -1.23 -3.02
N LYS A 95 1.34 -1.84 -3.56
CA LYS A 95 1.39 -2.22 -4.97
C LYS A 95 0.34 -3.23 -5.34
N MET A 96 0.25 -4.29 -4.53
CA MET A 96 -0.64 -5.42 -4.81
C MET A 96 -2.10 -5.01 -4.75
N LEU A 97 -2.46 -4.18 -3.77
CA LEU A 97 -3.82 -3.65 -3.64
C LEU A 97 -4.21 -2.87 -4.88
N ASN A 98 -3.29 -2.05 -5.40
CA ASN A 98 -3.55 -1.26 -6.61
C ASN A 98 -3.67 -2.14 -7.85
N PHE A 99 -2.88 -3.21 -7.92
CA PHE A 99 -3.10 -4.21 -8.96
C PHE A 99 -4.49 -4.80 -8.84
N TYR A 100 -4.84 -5.26 -7.64
CA TYR A 100 -6.16 -5.85 -7.38
C TYR A 100 -7.29 -4.89 -7.71
N ASN A 101 -7.19 -3.63 -7.32
CA ASN A 101 -8.27 -2.66 -7.60
C ASN A 101 -8.34 -2.21 -9.05
N SER A 102 -7.20 -1.93 -9.68
CA SER A 102 -7.13 -1.67 -11.13
C SER A 102 -7.67 -2.82 -11.97
N PHE A 103 -7.24 -4.03 -11.64
CA PHE A 103 -7.59 -5.21 -12.42
C PHE A 103 -8.96 -5.79 -12.09
N ALA A 104 -9.67 -5.24 -11.10
CA ALA A 104 -11.00 -5.76 -10.72
C ALA A 104 -12.13 -5.28 -11.65
N ILE A 105 -11.84 -5.28 -12.94
CA ILE A 105 -12.86 -5.00 -13.92
C ILE A 105 -13.74 -6.26 -14.08
N PHE A 106 -13.38 -7.41 -13.49
CA PHE A 106 -14.19 -8.62 -13.74
C PHE A 106 -14.30 -9.77 -12.73
N ASN A 107 -13.85 -9.62 -11.48
CA ASN A 107 -13.85 -10.75 -10.50
C ASN A 107 -12.69 -11.71 -10.77
N CYS A 108 -11.58 -11.44 -10.08
CA CYS A 108 -10.36 -12.20 -10.21
C CYS A 108 -9.49 -12.03 -8.97
N ILE A 109 -8.37 -12.70 -8.95
CA ILE A 109 -7.41 -12.49 -7.88
C ILE A 109 -6.08 -12.24 -8.53
N VAL A 110 -5.14 -11.70 -7.76
CA VAL A 110 -3.83 -11.29 -8.29
C VAL A 110 -2.79 -12.04 -7.53
N GLY A 111 -1.64 -12.31 -8.16
CA GLY A 111 -0.51 -13.00 -7.51
C GLY A 111 0.82 -12.73 -8.20
N ILE A 112 1.92 -13.15 -7.57
CA ILE A 112 3.26 -13.01 -8.15
C ILE A 112 3.72 -14.31 -8.81
N HIS A 113 3.77 -15.36 -8.00
CA HIS A 113 4.14 -16.66 -8.48
C HIS A 113 2.94 -17.24 -9.20
N GLY A 114 3.12 -17.69 -10.43
CA GLY A 114 2.03 -18.34 -11.18
C GLY A 114 2.48 -19.15 -12.38
N CYS A 115 1.64 -20.09 -12.81
CA CYS A 115 1.95 -21.00 -13.90
C CYS A 115 0.88 -21.02 -14.97
N ILE A 116 1.28 -21.58 -16.11
CA ILE A 116 0.37 -21.86 -17.20
C ILE A 116 0.58 -23.31 -17.51
N TYR A 117 -0.22 -24.17 -16.87
CA TYR A 117 -0.21 -25.58 -17.19
C TYR A 117 -0.93 -25.80 -18.54
N ILE A 118 -0.27 -26.51 -19.47
CA ILE A 118 -0.89 -26.91 -20.74
C ILE A 118 -0.98 -28.43 -20.86
N ASP A 119 -2.23 -28.93 -20.95
CA ASP A 119 -2.60 -30.36 -21.16
C ASP A 119 -1.89 -30.97 -22.36
N ALA A 120 -1.60 -32.28 -22.28
CA ALA A 120 -0.95 -33.02 -23.38
C ALA A 120 -1.95 -33.16 -24.52
N PHE A 121 -1.50 -33.07 -25.78
CA PHE A 121 -2.44 -33.19 -26.89
C PHE A 121 -1.76 -33.53 -28.19
N ASP A 122 -2.28 -34.56 -28.87
CA ASP A 122 -1.79 -34.99 -30.18
C ASP A 122 -0.32 -35.41 -30.14
N GLY A 123 0.03 -36.18 -29.12
CA GLY A 123 1.43 -36.57 -28.91
C GLY A 123 2.29 -35.56 -28.17
N ASP A 124 1.91 -34.27 -28.15
CA ASP A 124 2.59 -33.25 -27.32
C ASP A 124 2.46 -33.55 -25.85
N GLN A 125 3.61 -33.52 -25.17
CA GLN A 125 3.67 -33.68 -23.74
C GLN A 125 3.00 -32.52 -23.03
N SER A 126 2.53 -32.81 -21.82
CA SER A 126 2.10 -31.81 -20.84
C SER A 126 3.21 -30.78 -20.62
N LYS A 127 2.85 -29.49 -20.60
CA LYS A 127 3.81 -28.36 -20.43
C LYS A 127 3.41 -27.44 -19.29
N ARG A 128 4.41 -26.80 -18.69
CA ARG A 128 4.22 -25.79 -17.64
C ARG A 128 5.17 -24.58 -17.84
N LYS A 129 4.62 -23.38 -18.09
CA LYS A 129 5.36 -22.11 -17.95
C LYS A 129 5.16 -21.63 -16.52
N VAL A 130 6.24 -21.23 -15.87
CA VAL A 130 6.20 -20.76 -14.50
C VAL A 130 6.82 -19.37 -14.45
N PHE A 131 6.09 -18.44 -13.84
CA PHE A 131 6.57 -17.12 -13.49
C PHE A 131 6.80 -17.11 -11.99
N SER A 132 8.01 -17.45 -11.56
CA SER A 132 8.29 -17.55 -10.12
C SER A 132 8.21 -16.21 -9.36
N PHE A 133 8.22 -16.30 -8.04
CA PHE A 133 8.07 -15.11 -7.19
C PHE A 133 9.28 -14.14 -7.24
N THR A 134 10.48 -14.66 -7.53
CA THR A 134 11.72 -13.87 -7.66
C THR A 134 11.84 -13.23 -9.03
N GLN A 135 11.33 -13.92 -10.04
CA GLN A 135 11.37 -13.43 -11.41
C GLN A 135 10.59 -12.15 -11.64
N GLY A 136 11.13 -11.30 -12.50
CA GLY A 136 10.41 -10.14 -12.97
C GLY A 136 9.38 -10.56 -13.98
N LEU A 137 8.46 -9.64 -14.26
CA LEU A 137 7.40 -9.83 -15.27
C LEU A 137 6.94 -8.45 -15.75
N LEU A 138 7.05 -8.20 -17.05
CA LEU A 138 7.03 -6.84 -17.56
C LEU A 138 5.60 -6.27 -17.59
N ARG A 139 4.67 -6.97 -18.27
CA ARG A 139 3.22 -6.71 -18.20
C ARG A 139 2.51 -7.87 -17.51
N PRO A 140 1.28 -7.64 -17.01
CA PRO A 140 0.52 -8.73 -16.40
C PRO A 140 0.12 -9.85 -17.37
N ARG A 141 -0.14 -11.03 -16.80
CA ARG A 141 -0.54 -12.23 -17.56
C ARG A 141 -1.73 -12.90 -16.87
N VAL A 142 -2.61 -13.51 -17.66
CA VAL A 142 -3.63 -14.42 -17.15
C VAL A 142 -3.00 -15.80 -17.02
N VAL A 143 -3.16 -16.41 -15.86
CA VAL A 143 -2.52 -17.67 -15.54
C VAL A 143 -3.60 -18.65 -15.14
N ASN A 144 -3.29 -19.94 -15.08
CA ASN A 144 -4.27 -20.94 -14.60
C ASN A 144 -3.89 -21.65 -13.28
N GLN A 145 -2.82 -21.16 -12.66
CA GLN A 145 -2.36 -21.59 -11.33
C GLN A 145 -1.64 -20.45 -10.59
N LEU A 146 -1.92 -20.29 -9.31
CA LEU A 146 -1.20 -19.29 -8.49
C LEU A 146 -0.68 -19.92 -7.18
N GLY A 147 0.59 -19.65 -6.85
CA GLY A 147 1.19 -20.08 -5.61
C GLY A 147 0.59 -19.36 -4.40
N THR A 148 0.22 -20.10 -3.38
CA THR A 148 -0.39 -19.53 -2.18
C THR A 148 0.55 -18.73 -1.25
N GLY A 149 1.79 -18.45 -1.67
CA GLY A 149 2.69 -17.58 -0.89
C GLY A 149 2.77 -16.12 -1.31
N THR A 150 1.97 -15.71 -2.28
CA THR A 150 2.11 -14.41 -2.92
C THR A 150 0.80 -13.88 -3.52
N VAL A 151 -0.33 -14.26 -2.95
CA VAL A 151 -1.65 -13.99 -3.51
C VAL A 151 -2.38 -12.94 -2.69
N PHE A 152 -3.22 -12.20 -3.38
CA PHE A 152 -3.98 -11.13 -2.79
C PHE A 152 -5.44 -11.24 -3.23
N LEU A 153 -6.36 -11.26 -2.26
CA LEU A 153 -7.75 -11.56 -2.55
C LEU A 153 -8.70 -11.11 -1.45
N LYS A 154 -9.98 -11.03 -1.80
CA LYS A 154 -11.01 -10.63 -0.86
C LYS A 154 -11.39 -11.84 -0.04
N ALA A 155 -11.74 -11.61 1.22
CA ALA A 155 -12.23 -12.68 2.10
C ALA A 155 -13.37 -13.49 1.45
N ASP A 156 -14.22 -12.78 0.71
CA ASP A 156 -15.26 -13.42 -0.08
C ASP A 156 -14.74 -14.50 -1.03
N GLN A 157 -13.60 -14.25 -1.63
CA GLN A 157 -13.01 -15.14 -2.60
C GLN A 157 -12.16 -16.25 -2.08
N LEU A 158 -11.93 -16.31 -0.80
CA LEU A 158 -11.09 -17.32 -0.17
C LEU A 158 -11.75 -18.63 0.18
N PRO A 159 -11.12 -19.74 -0.19
CA PRO A 159 -11.69 -21.04 0.12
C PRO A 159 -11.50 -21.35 1.55
N SER A 160 -12.49 -21.95 2.17
CA SER A 160 -12.40 -22.31 3.61
C SER A 160 -11.49 -23.54 3.87
N LEU A 161 -11.26 -23.81 5.14
CA LEU A 161 -10.50 -24.99 5.58
C LEU A 161 -11.14 -26.30 5.14
N LYS A 162 -12.47 -26.35 5.13
CA LYS A 162 -13.20 -27.55 4.66
C LYS A 162 -12.82 -27.89 3.23
N TYR A 163 -12.65 -26.86 2.42
CA TYR A 163 -12.28 -27.05 1.01
C TYR A 163 -10.85 -27.47 0.83
N MET A 164 -9.94 -26.90 1.63
CA MET A 164 -8.48 -27.06 1.42
C MET A 164 -7.86 -28.20 2.21
N ASP A 165 -8.60 -28.76 3.18
CA ASP A 165 -8.03 -29.79 4.07
C ASP A 165 -7.74 -31.01 3.23
N GLY A 166 -6.59 -31.63 3.45
CA GLY A 166 -6.17 -32.80 2.67
C GLY A 166 -5.30 -32.46 1.47
N SER A 167 -5.24 -31.16 1.14
CA SER A 167 -4.54 -30.70 -0.05
C SER A 167 -3.09 -30.37 0.23
N GLN A 168 -2.63 -30.59 1.46
CA GLN A 168 -1.20 -30.52 1.71
CA GLN A 168 -1.20 -30.59 1.76
C GLN A 168 -0.61 -31.42 0.65
N ARG A 169 0.53 -31.03 0.10
CA ARG A 169 1.19 -31.82 -0.99
C ARG A 169 0.89 -31.24 -2.38
N PHE A 170 -0.29 -30.62 -2.54
CA PHE A 170 -0.67 -29.93 -3.78
C PHE A 170 -1.57 -28.72 -3.50
N VAL A 171 -1.14 -27.87 -2.56
CA VAL A 171 -1.97 -26.75 -2.05
C VAL A 171 -2.35 -25.71 -3.13
N ASP A 172 -1.37 -25.36 -3.96
CA ASP A 172 -1.59 -24.42 -5.07
C ASP A 172 -2.59 -24.97 -6.05
N VAL A 173 -2.46 -26.26 -6.36
CA VAL A 173 -3.39 -26.92 -7.26
C VAL A 173 -4.81 -26.92 -6.68
N ARG A 174 -4.98 -27.27 -5.40
CA ARG A 174 -6.33 -27.29 -4.81
C ARG A 174 -6.90 -25.88 -4.75
N PHE A 175 -6.08 -24.92 -4.32
CA PHE A 175 -6.44 -23.49 -4.38
C PHE A 175 -6.98 -23.09 -5.77
N SER A 176 -6.12 -23.18 -6.80
CA SER A 176 -6.50 -22.78 -8.16
C SER A 176 -7.75 -23.53 -8.64
N ARG A 177 -7.85 -24.82 -8.32
CA ARG A 177 -9.07 -25.58 -8.61
C ARG A 177 -10.35 -24.88 -8.08
N TYR A 178 -10.28 -24.32 -6.87
CA TYR A 178 -11.40 -23.58 -6.29
C TYR A 178 -11.70 -22.31 -7.06
N MET A 179 -10.67 -21.67 -7.59
CA MET A 179 -10.87 -20.46 -8.37
C MET A 179 -11.50 -20.82 -9.71
N LEU A 180 -10.88 -21.74 -10.45
CA LEU A 180 -11.45 -22.33 -11.70
C LEU A 180 -12.88 -22.80 -11.48
N GLU A 181 -13.15 -23.47 -10.35
CA GLU A 181 -14.49 -23.98 -10.02
C GLU A 181 -15.54 -22.87 -9.84
N ASN A 182 -15.20 -21.81 -9.13
CA ASN A 182 -16.13 -20.70 -8.95
C ASN A 182 -15.94 -19.60 -10.03
N GLU A 183 -15.33 -19.97 -11.16
CA GLU A 183 -14.97 -19.04 -12.24
C GLU A 183 -14.55 -17.67 -11.68
N ILE A 184 -13.42 -17.69 -10.98
CA ILE A 184 -12.74 -16.49 -10.51
C ILE A 184 -11.47 -16.50 -11.31
N GLY A 185 -11.14 -15.37 -11.92
CA GLY A 185 -9.94 -15.27 -12.76
C GLY A 185 -8.65 -15.30 -11.97
N MET A 186 -7.53 -15.58 -12.63
CA MET A 186 -6.23 -15.51 -11.96
C MET A 186 -5.23 -14.73 -12.76
N ILE A 187 -4.66 -13.69 -12.12
CA ILE A 187 -3.75 -12.72 -12.77
C ILE A 187 -2.38 -12.73 -12.10
N CYS A 188 -1.32 -13.01 -12.86
CA CYS A 188 0.06 -12.74 -12.41
C CYS A 188 0.34 -11.29 -12.67
N VAL A 189 0.81 -10.58 -11.65
CA VAL A 189 1.01 -9.13 -11.73
C VAL A 189 2.46 -8.73 -12.04
N PRO A 190 2.68 -7.57 -12.71
CA PRO A 190 4.04 -7.17 -13.02
C PRO A 190 4.90 -6.81 -11.80
N ARG A 191 6.20 -7.02 -11.94
CA ARG A 191 7.19 -6.74 -10.90
C ARG A 191 8.63 -6.77 -11.47
N GLU A 192 9.53 -5.96 -10.91
CA GLU A 192 10.95 -5.98 -11.30
C GLU A 192 11.55 -7.27 -10.74
N LYS A 193 12.71 -7.66 -11.26
CA LYS A 193 13.36 -8.91 -10.81
C LYS A 193 13.83 -8.77 -9.36
N ASN A 194 13.63 -9.81 -8.56
CA ASN A 194 13.97 -9.84 -7.15
C ASN A 194 13.25 -8.84 -6.25
N TRP A 195 11.98 -8.56 -6.58
CA TRP A 195 11.13 -7.70 -5.77
C TRP A 195 10.89 -8.32 -4.42
N LEU A 196 10.65 -9.63 -4.45
CA LEU A 196 10.56 -10.46 -3.26
C LEU A 196 11.86 -11.25 -3.18
N ARG A 197 12.32 -11.51 -1.96
CA ARG A 197 13.50 -12.33 -1.75
C ARG A 197 13.09 -13.49 -0.87
N GLU A 198 14.02 -14.43 -0.67
CA GLU A 198 13.77 -15.60 0.16
C GLU A 198 14.91 -15.79 1.17
N VAL A 199 14.52 -16.06 2.42
CA VAL A 199 15.46 -16.27 3.51
C VAL A 199 15.71 -17.74 3.70
N SER A 200 16.82 -18.03 4.37
CA SER A 200 17.39 -19.35 4.34
C SER A 200 18.54 -19.43 5.32
N SER A 201 18.69 -20.58 5.98
CA SER A 201 19.99 -21.00 6.49
C SER A 201 20.29 -22.38 5.90
N GLY A 202 21.29 -22.46 5.00
CA GLY A 202 21.54 -23.67 4.20
C GLY A 202 22.54 -24.66 4.79
N SER A 203 22.65 -25.82 4.12
CA SER A 203 23.63 -26.90 4.41
C SER A 203 25.03 -26.48 4.90
N MET A 204 25.61 -25.45 4.29
CA MET A 204 26.90 -24.94 4.73
C MET A 204 26.80 -24.27 6.12
N GLU A 205 26.88 -25.10 7.15
CA GLU A 205 26.92 -24.64 8.54
C GLU A 205 25.96 -23.47 8.88
N GLY A 206 24.77 -23.55 8.32
CA GLY A 206 23.73 -22.58 8.57
C GLY A 206 24.02 -21.14 8.27
N LEU A 207 24.72 -20.84 7.21
CA LEU A 207 24.98 -19.45 6.94
C LEU A 207 23.70 -18.77 6.55
N TRP A 208 23.41 -17.67 7.20
CA TRP A 208 22.19 -16.92 6.97
C TRP A 208 22.27 -16.26 5.64
N ASN A 209 21.18 -16.29 4.94
CA ASN A 209 21.11 -15.86 3.55
C ASN A 209 19.78 -15.16 3.29
N THR A 210 19.84 -13.84 3.10
CA THR A 210 18.68 -13.01 2.78
C THR A 210 18.48 -12.87 1.26
N PHE A 211 18.92 -13.84 0.48
CA PHE A 211 18.83 -13.74 -0.99
C PHE A 211 19.04 -15.12 -1.59
N THR A 212 18.02 -15.97 -1.47
CA THR A 212 18.11 -17.40 -1.74
C THR A 212 17.53 -17.74 -3.09
N LYS A 213 18.11 -18.76 -3.74
CA LYS A 213 17.61 -19.38 -5.00
C LYS A 213 17.31 -20.88 -4.84
N HIS B 3 -11.18 35.34 8.15
CA HIS B 3 -12.18 34.35 7.62
C HIS B 3 -11.60 33.36 6.60
N MET B 4 -11.09 33.87 5.47
CA MET B 4 -10.36 33.04 4.51
C MET B 4 -8.99 32.66 5.09
N MET B 5 -8.84 31.40 5.50
CA MET B 5 -7.63 30.91 6.17
C MET B 5 -6.91 29.88 5.35
N ILE B 6 -5.61 29.79 5.54
CA ILE B 6 -4.82 28.78 4.93
C ILE B 6 -4.63 27.73 6.00
N VAL B 7 -5.24 26.56 5.81
CA VAL B 7 -5.12 25.45 6.77
C VAL B 7 -4.31 24.34 6.12
N ALA B 8 -3.44 23.70 6.89
CA ALA B 8 -2.69 22.58 6.38
C ALA B 8 -3.18 21.31 7.08
N ASN B 9 -3.63 20.30 6.32
CA ASN B 9 -4.13 19.06 6.90
C ASN B 9 -3.09 17.97 6.74
N MET B 10 -2.75 17.30 7.84
CA MET B 10 -1.65 16.31 7.82
C MET B 10 -1.96 15.06 8.65
N SER B 11 -1.43 13.89 8.24
CA SER B 11 -1.46 12.68 9.07
C SER B 11 -0.07 12.14 9.27
N SER B 12 0.14 11.47 10.41
CA SER B 12 1.43 10.86 10.75
C SER B 12 1.24 9.72 11.75
N TYR B 13 2.34 9.07 12.12
CA TYR B 13 2.28 7.90 13.02
C TYR B 13 3.67 7.76 13.67
N PRO B 14 3.79 7.03 14.80
CA PRO B 14 4.93 7.18 15.75
C PRO B 14 6.41 7.07 15.26
N PRO B 15 6.72 6.10 14.38
CA PRO B 15 8.05 6.06 13.76
C PRO B 15 8.46 7.35 13.05
N ARG B 16 7.50 8.12 12.52
CA ARG B 16 7.79 9.34 11.79
C ARG B 16 7.80 10.60 12.66
N LYS B 17 7.94 10.46 13.97
CA LYS B 17 7.92 11.60 14.86
C LYS B 17 9.02 12.60 14.58
N LYS B 18 10.20 12.10 14.21
CA LYS B 18 11.37 12.97 14.03
C LYS B 18 11.19 13.85 12.79
N GLU B 19 10.70 13.25 11.70
CA GLU B 19 10.48 13.96 10.41
C GLU B 19 9.31 14.93 10.44
N LEU B 20 8.21 14.47 11.01
CA LEU B 20 7.03 15.27 11.28
C LEU B 20 7.35 16.66 11.84
N VAL B 21 8.28 16.71 12.79
CA VAL B 21 8.68 17.97 13.42
C VAL B 21 9.38 18.89 12.43
N HIS B 22 10.23 18.32 11.56
CA HIS B 22 10.95 19.06 10.47
C HIS B 22 10.00 19.62 9.43
N SER B 23 9.03 18.81 9.02
CA SER B 23 8.02 19.20 8.02
C SER B 23 7.15 20.33 8.54
N ILE B 24 6.64 20.16 9.75
CA ILE B 24 5.77 21.15 10.36
C ILE B 24 6.47 22.49 10.52
N GLN B 25 7.78 22.47 10.73
CA GLN B 25 8.50 23.75 10.81
C GLN B 25 8.40 24.48 9.44
N SER B 26 8.59 23.71 8.38
CA SER B 26 8.64 24.26 7.04
C SER B 26 7.35 24.94 6.58
N LEU B 27 6.23 24.60 7.23
CA LEU B 27 4.91 25.19 6.95
C LEU B 27 4.44 26.24 7.94
N HIS B 28 4.94 26.18 9.16
CA HIS B 28 4.36 26.95 10.28
C HIS B 28 4.19 28.42 10.04
N ALA B 29 5.21 29.03 9.44
CA ALA B 29 5.22 30.46 9.15
C ALA B 29 4.29 30.84 8.02
N GLN B 30 4.08 29.93 7.07
CA GLN B 30 3.28 30.24 5.85
C GLN B 30 1.79 29.83 5.88
N VAL B 31 1.35 29.09 6.90
CA VAL B 31 -0.10 28.79 7.05
C VAL B 31 -0.68 29.40 8.31
N ASP B 32 -2.02 29.45 8.39
CA ASP B 32 -2.71 29.97 9.56
C ASP B 32 -3.07 28.89 10.57
N LYS B 33 -3.16 27.63 10.11
CA LYS B 33 -3.54 26.52 10.99
C LYS B 33 -3.05 25.20 10.43
N ILE B 34 -2.77 24.26 11.32
CA ILE B 34 -2.33 22.93 10.92
C ILE B 34 -3.08 21.87 11.70
N ASN B 35 -3.94 21.14 11.01
CA ASN B 35 -4.59 19.98 11.57
C ASN B 35 -3.70 18.77 11.33
N LEU B 36 -3.65 17.92 12.34
CA LEU B 36 -2.70 16.83 12.37
C LEU B 36 -3.29 15.61 13.03
N CYS B 37 -3.44 14.56 12.23
CA CYS B 37 -4.09 13.34 12.63
C CYS B 37 -3.03 12.35 13.08
N LEU B 38 -2.97 12.12 14.40
CA LEU B 38 -1.90 11.37 15.03
C LEU B 38 -2.25 9.88 15.11
N ASN B 39 -2.24 9.21 13.96
CA ASN B 39 -2.52 7.78 13.89
C ASN B 39 -1.59 6.99 14.81
N GLU B 40 -2.17 6.02 15.53
CA GLU B 40 -1.43 5.04 16.35
C GLU B 40 -0.62 5.65 17.50
N PHE B 41 -0.87 6.92 17.82
CA PHE B 41 -0.32 7.51 19.02
C PHE B 41 -1.25 7.20 20.17
N GLU B 42 -0.70 7.30 21.37
CA GLU B 42 -1.48 7.17 22.59
C GLU B 42 -1.58 8.50 23.32
N GLU B 43 -0.52 9.33 23.23
CA GLU B 43 -0.59 10.73 23.63
C GLU B 43 0.16 11.67 22.69
N ILE B 44 -0.23 12.94 22.75
CA ILE B 44 0.32 13.96 21.89
C ILE B 44 1.74 14.24 22.37
N PRO B 45 2.73 14.07 21.48
CA PRO B 45 4.14 14.18 21.88
C PRO B 45 4.58 15.61 22.20
N GLU B 46 5.35 15.75 23.26
CA GLU B 46 5.77 17.07 23.73
C GLU B 46 6.64 17.82 22.70
N GLU B 47 7.39 17.08 21.87
CA GLU B 47 8.12 17.65 20.74
C GLU B 47 7.26 18.55 19.83
N LEU B 48 5.92 18.39 19.86
CA LEU B 48 4.96 19.20 19.08
C LEU B 48 4.40 20.46 19.74
N ASP B 49 4.83 20.75 20.96
CA ASP B 49 4.19 21.80 21.76
C ASP B 49 4.50 23.23 21.32
N GLY B 50 5.69 23.47 20.76
CA GLY B 50 6.13 24.82 20.39
C GLY B 50 5.30 25.57 19.35
N PHE B 51 4.56 24.84 18.52
CA PHE B 51 3.83 25.40 17.37
C PHE B 51 2.41 25.88 17.76
N SER B 52 2.20 27.20 17.75
CA SER B 52 0.94 27.78 18.29
C SER B 52 -0.32 27.54 17.45
N LYS B 53 -0.13 27.17 16.19
CA LYS B 53 -1.17 26.97 15.17
C LYS B 53 -1.49 25.49 14.93
N LEU B 54 -0.68 24.59 15.50
CA LEU B 54 -0.87 23.16 15.39
C LEU B 54 -2.07 22.70 16.23
N ASN B 55 -3.03 22.06 15.57
CA ASN B 55 -4.13 21.40 16.26
C ASN B 55 -3.85 19.92 16.15
N PRO B 56 -3.16 19.34 17.13
CA PRO B 56 -2.91 17.90 17.07
C PRO B 56 -4.13 17.09 17.58
N VAL B 57 -4.45 15.97 16.92
CA VAL B 57 -5.62 15.14 17.30
C VAL B 57 -5.31 13.66 17.16
N ILE B 58 -5.56 12.92 18.23
CA ILE B 58 -5.49 11.47 18.19
C ILE B 58 -6.88 10.98 17.81
N PRO B 59 -7.00 10.24 16.71
CA PRO B 59 -8.33 9.85 16.20
C PRO B 59 -8.95 8.56 16.80
N ASP B 60 -10.22 8.34 16.47
CA ASP B 60 -11.00 7.19 16.95
C ASP B 60 -10.58 5.81 16.38
N LYS B 61 -9.74 5.81 15.33
CA LYS B 61 -9.33 4.59 14.63
C LYS B 61 -8.17 4.95 13.70
N ASP B 62 -7.41 3.97 13.23
CA ASP B 62 -6.24 4.24 12.39
C ASP B 62 -6.65 4.56 10.95
N TYR B 63 -6.57 5.84 10.59
CA TYR B 63 -6.91 6.29 9.26
C TYR B 63 -5.79 6.31 8.23
N LYS B 64 -4.54 6.06 8.63
CA LYS B 64 -3.37 6.09 7.70
C LYS B 64 -3.35 7.34 6.81
N ASP B 65 -3.13 7.20 5.50
CA ASP B 65 -3.01 8.35 4.57
C ASP B 65 -4.34 9.13 4.39
N VAL B 66 -5.46 8.49 4.74
CA VAL B 66 -6.78 9.12 4.85
C VAL B 66 -6.92 10.08 6.08
N GLY B 67 -6.12 9.86 7.13
CA GLY B 67 -6.14 10.71 8.31
C GLY B 67 -6.30 12.21 8.09
N LYS B 68 -5.61 12.73 7.08
CA LYS B 68 -5.70 14.16 6.75
C LYS B 68 -7.09 14.62 6.31
N PHE B 69 -8.02 13.70 6.04
CA PHE B 69 -9.40 14.06 5.64
C PHE B 69 -10.42 14.05 6.77
N ILE B 70 -9.98 13.80 8.01
CA ILE B 70 -10.91 13.72 9.16
C ILE B 70 -11.47 15.09 9.56
N PHE B 71 -10.70 16.14 9.31
CA PHE B 71 -10.97 17.48 9.84
C PHE B 71 -12.01 18.22 9.03
N PRO B 72 -13.10 18.68 9.68
CA PRO B 72 -14.02 19.55 8.97
C PRO B 72 -13.40 20.93 8.87
N CYS B 73 -13.49 21.54 7.69
CA CYS B 73 -12.95 22.86 7.47
C CYS B 73 -14.05 23.77 7.08
N ALA B 74 -13.82 25.07 7.30
CA ALA B 74 -14.74 26.10 6.91
C ALA B 74 -14.75 26.27 5.38
N LYS B 75 -15.93 26.12 4.76
CA LYS B 75 -16.15 26.30 3.30
C LYS B 75 -15.26 27.29 2.51
N ASN B 76 -15.03 28.45 3.10
CA ASN B 76 -14.33 29.55 2.44
C ASN B 76 -12.81 29.41 2.51
N ASP B 77 -12.30 28.49 3.36
CA ASP B 77 -10.84 28.27 3.61
C ASP B 77 -10.10 27.58 2.46
N MET B 78 -8.80 27.88 2.38
CA MET B 78 -7.92 27.22 1.43
C MET B 78 -7.19 26.11 2.19
N ILE B 79 -7.08 24.94 1.58
CA ILE B 79 -6.58 23.75 2.24
C ILE B 79 -5.30 23.29 1.57
N VAL B 80 -4.35 22.83 2.39
CA VAL B 80 -3.01 22.40 1.92
C VAL B 80 -2.74 20.99 2.44
N LEU B 81 -2.91 20.01 1.58
CA LEU B 81 -2.76 18.62 1.98
C LEU B 81 -1.28 18.29 1.92
N THR B 82 -0.78 17.63 2.94
CA THR B 82 0.64 17.51 3.14
C THR B 82 1.06 16.14 3.67
N ASP B 83 2.32 15.80 3.46
CA ASP B 83 2.89 14.53 3.93
C ASP B 83 3.97 14.85 4.94
N ASP B 84 4.09 14.00 5.95
CA ASP B 84 5.05 14.21 7.02
C ASP B 84 6.50 14.22 6.55
N ASP B 85 6.80 13.61 5.40
CA ASP B 85 8.21 13.50 4.95
C ASP B 85 8.69 14.52 3.89
N ILE B 86 7.99 15.64 3.71
CA ILE B 86 8.38 16.66 2.74
C ILE B 86 8.79 17.94 3.48
N ILE B 87 9.90 18.53 3.07
CA ILE B 87 10.28 19.89 3.51
C ILE B 87 9.76 20.84 2.44
N TYR B 88 8.74 21.60 2.80
CA TYR B 88 8.08 22.52 1.89
C TYR B 88 8.84 23.82 1.89
N PRO B 89 9.17 24.36 0.71
CA PRO B 89 9.95 25.61 0.65
C PRO B 89 9.19 26.81 1.21
N PRO B 90 9.91 27.87 1.61
CA PRO B 90 9.27 29.00 2.30
C PRO B 90 8.36 29.83 1.42
N ASP B 91 8.51 29.72 0.11
CA ASP B 91 7.54 30.32 -0.81
C ASP B 91 6.42 29.35 -1.28
N TYR B 92 6.22 28.21 -0.61
CA TYR B 92 5.29 27.17 -1.08
C TYR B 92 3.87 27.71 -1.24
N VAL B 93 3.25 28.07 -0.12
CA VAL B 93 1.86 28.52 -0.07
C VAL B 93 1.63 29.67 -1.03
N GLU B 94 2.59 30.61 -1.04
CA GLU B 94 2.47 31.88 -1.77
C GLU B 94 2.41 31.64 -3.28
N LYS B 95 3.24 30.73 -3.78
CA LYS B 95 3.24 30.39 -5.19
C LYS B 95 2.07 29.51 -5.59
N MET B 96 1.70 28.57 -4.72
CA MET B 96 0.57 27.67 -4.96
C MET B 96 -0.77 28.39 -4.99
N LEU B 97 -0.94 29.37 -4.11
CA LEU B 97 -2.14 30.24 -4.17
C LEU B 97 -2.23 30.97 -5.51
N ASN B 98 -1.07 31.42 -6.03
CA ASN B 98 -1.04 32.11 -7.31
C ASN B 98 -1.47 31.20 -8.42
N PHE B 99 -0.84 30.04 -8.52
CA PHE B 99 -1.25 29.03 -9.51
C PHE B 99 -2.72 28.67 -9.33
N TYR B 100 -3.14 28.44 -8.09
CA TYR B 100 -4.56 28.21 -7.84
C TYR B 100 -5.46 29.32 -8.41
N ASN B 101 -5.17 30.59 -8.12
CA ASN B 101 -5.98 31.68 -8.67
C ASN B 101 -5.99 31.65 -10.22
N SER B 102 -4.82 31.49 -10.84
CA SER B 102 -4.74 31.40 -12.30
C SER B 102 -5.71 30.38 -12.89
N PHE B 103 -5.79 29.20 -12.27
CA PHE B 103 -6.55 28.09 -12.80
C PHE B 103 -7.93 27.93 -12.16
N ALA B 104 -8.30 28.85 -11.27
CA ALA B 104 -9.65 28.86 -10.69
C ALA B 104 -10.76 29.12 -11.74
N ILE B 105 -10.44 29.93 -12.76
CA ILE B 105 -11.38 30.21 -13.85
C ILE B 105 -11.84 28.93 -14.53
N PHE B 106 -11.04 27.87 -14.52
CA PHE B 106 -11.49 26.56 -15.04
C PHE B 106 -12.01 25.59 -13.97
N ASN B 107 -12.24 26.05 -12.74
CA ASN B 107 -12.68 25.20 -11.61
C ASN B 107 -11.72 24.02 -11.35
N CYS B 108 -10.49 24.36 -10.99
CA CYS B 108 -9.41 23.37 -10.87
C CYS B 108 -8.83 23.34 -9.48
N ILE B 109 -8.06 22.30 -9.23
CA ILE B 109 -7.09 22.29 -8.15
C ILE B 109 -5.71 22.08 -8.74
N VAL B 110 -4.69 22.29 -7.91
CA VAL B 110 -3.30 22.31 -8.34
C VAL B 110 -2.40 21.47 -7.44
N GLY B 111 -1.40 20.80 -8.02
CA GLY B 111 -0.44 20.01 -7.25
C GLY B 111 0.95 19.92 -7.87
N ILE B 112 1.86 19.25 -7.17
CA ILE B 112 3.25 19.05 -7.65
C ILE B 112 3.44 17.62 -8.18
N HIS B 113 3.14 16.63 -7.34
CA HIS B 113 3.16 15.22 -7.77
C HIS B 113 1.89 14.99 -8.57
N GLY B 114 1.98 14.26 -9.69
CA GLY B 114 0.80 13.96 -10.54
C GLY B 114 1.07 13.00 -11.70
N CYS B 115 0.01 12.35 -12.22
CA CYS B 115 0.12 11.35 -13.29
C CYS B 115 -0.84 11.61 -14.43
N ILE B 116 -0.37 11.30 -15.66
CA ILE B 116 -1.21 11.16 -16.85
C ILE B 116 -1.20 9.68 -17.23
N TYR B 117 -2.31 8.99 -16.97
CA TYR B 117 -2.53 7.62 -17.46
C TYR B 117 -3.34 7.64 -18.75
N ILE B 118 -2.82 7.02 -19.80
CA ILE B 118 -3.58 6.85 -21.04
C ILE B 118 -3.94 5.37 -21.19
N ASP B 119 -5.22 5.07 -21.48
CA ASP B 119 -5.70 3.71 -21.67
C ASP B 119 -5.04 3.02 -22.85
N ALA B 120 -5.03 1.69 -22.79
CA ALA B 120 -4.81 0.85 -23.96
C ALA B 120 -6.05 1.02 -24.83
N PHE B 121 -5.82 1.24 -26.12
CA PHE B 121 -6.90 1.55 -27.04
C PHE B 121 -6.60 1.07 -28.48
N ASP B 122 -7.44 0.21 -29.04
CA ASP B 122 -7.28 -0.27 -30.42
C ASP B 122 -5.85 -0.78 -30.67
N GLY B 123 -5.33 -1.60 -29.75
CA GLY B 123 -3.97 -2.16 -29.85
C GLY B 123 -2.83 -1.18 -29.58
N ASP B 124 -3.10 -0.14 -28.77
CA ASP B 124 -2.06 0.72 -28.20
C ASP B 124 -1.81 0.32 -26.75
N GLN B 125 -0.67 0.76 -26.23
CA GLN B 125 -0.25 0.44 -24.88
C GLN B 125 -0.79 1.48 -23.88
N SER B 126 -1.01 1.02 -22.64
CA SER B 126 -1.32 1.88 -21.51
C SER B 126 -0.10 2.71 -21.12
N LYS B 127 -0.03 3.97 -21.53
CA LYS B 127 1.13 4.81 -21.16
C LYS B 127 0.85 5.76 -19.99
N ARG B 128 1.59 5.52 -18.90
CA ARG B 128 1.55 6.28 -17.65
C ARG B 128 2.75 7.24 -17.64
N LYS B 129 2.56 8.47 -17.15
CA LYS B 129 3.62 9.50 -17.18
C LYS B 129 3.63 10.27 -15.85
N VAL B 130 4.58 9.95 -14.97
CA VAL B 130 4.67 10.57 -13.63
C VAL B 130 5.45 11.87 -13.65
N PHE B 131 4.90 12.91 -13.01
CA PHE B 131 5.68 14.08 -12.60
C PHE B 131 5.87 13.95 -11.10
N SER B 132 7.04 13.50 -10.67
CA SER B 132 7.33 13.34 -9.24
C SER B 132 7.49 14.70 -8.58
N PHE B 133 7.25 14.72 -7.27
CA PHE B 133 7.31 15.96 -6.47
C PHE B 133 8.65 16.71 -6.42
N THR B 134 9.76 16.03 -6.74
CA THR B 134 11.07 16.68 -6.85
C THR B 134 11.48 17.11 -8.24
N GLN B 135 10.87 16.55 -9.29
CA GLN B 135 11.09 17.02 -10.68
C GLN B 135 10.77 18.51 -10.84
N GLY B 136 11.37 19.09 -11.87
CA GLY B 136 10.98 20.39 -12.39
C GLY B 136 9.88 20.21 -13.41
N LEU B 137 9.22 21.31 -13.73
CA LEU B 137 8.25 21.33 -14.81
C LEU B 137 8.15 22.76 -15.30
N LEU B 138 8.25 22.93 -16.61
CA LEU B 138 8.40 24.26 -17.21
C LEU B 138 7.05 24.90 -17.44
N ARG B 139 6.20 24.14 -18.10
CA ARG B 139 4.85 24.58 -18.44
C ARG B 139 3.88 23.77 -17.56
N PRO B 140 2.71 24.35 -17.21
CA PRO B 140 1.66 23.61 -16.48
C PRO B 140 1.09 22.48 -17.31
N ARG B 141 0.68 21.38 -16.67
CA ARG B 141 0.08 20.27 -17.40
C ARG B 141 -1.15 19.72 -16.74
N VAL B 142 -2.13 19.42 -17.58
CA VAL B 142 -3.38 18.85 -17.13
C VAL B 142 -3.16 17.35 -16.95
N VAL B 143 -3.53 16.86 -15.76
CA VAL B 143 -3.35 15.46 -15.36
C VAL B 143 -4.63 14.86 -14.81
N ASN B 144 -4.70 13.52 -14.79
CA ASN B 144 -5.88 12.78 -14.31
C ASN B 144 -5.69 12.14 -12.93
N GLN B 145 -4.53 12.36 -12.31
CA GLN B 145 -4.33 12.01 -10.93
C GLN B 145 -3.39 12.99 -10.24
N LEU B 146 -3.63 13.25 -8.94
CA LEU B 146 -2.74 14.08 -8.14
C LEU B 146 -2.37 13.45 -6.78
N GLY B 147 -1.10 13.58 -6.37
CA GLY B 147 -0.66 13.09 -5.07
C GLY B 147 -1.19 13.99 -3.96
N THR B 148 -1.79 13.42 -2.91
CA THR B 148 -2.39 14.21 -1.80
C THR B 148 -1.41 14.81 -0.76
N GLY B 149 -0.12 14.82 -1.06
CA GLY B 149 0.88 15.42 -0.18
C GLY B 149 1.39 16.73 -0.71
N THR B 150 0.84 17.17 -1.84
CA THR B 150 1.34 18.34 -2.56
C THR B 150 0.22 19.07 -3.31
N VAL B 151 -0.95 19.22 -2.68
CA VAL B 151 -2.12 19.80 -3.33
C VAL B 151 -2.55 21.07 -2.61
N PHE B 152 -3.19 21.96 -3.35
CA PHE B 152 -3.76 23.17 -2.81
C PHE B 152 -5.18 23.27 -3.36
N LEU B 153 -6.16 23.60 -2.53
CA LEU B 153 -7.59 23.61 -2.96
C LEU B 153 -8.52 24.29 -1.99
N LYS B 154 -9.71 24.61 -2.48
CA LYS B 154 -10.73 25.24 -1.65
C LYS B 154 -11.44 24.18 -0.85
N ALA B 155 -11.80 24.53 0.39
CA ALA B 155 -12.54 23.63 1.27
C ALA B 155 -13.73 22.97 0.57
N ASP B 156 -14.59 23.75 -0.13
CA ASP B 156 -15.76 23.16 -0.84
C ASP B 156 -15.42 22.16 -1.99
N GLN B 157 -14.14 22.04 -2.35
CA GLN B 157 -13.61 21.00 -3.24
C GLN B 157 -13.10 19.75 -2.51
N LEU B 158 -12.79 19.87 -1.23
CA LEU B 158 -12.27 18.76 -0.43
C LEU B 158 -13.27 17.61 -0.39
N PRO B 159 -12.83 16.36 -0.61
CA PRO B 159 -13.78 15.25 -0.47
C PRO B 159 -14.07 14.98 0.99
N SER B 160 -15.21 14.38 1.33
CA SER B 160 -15.51 14.13 2.77
C SER B 160 -14.82 12.88 3.32
N LEU B 161 -14.85 12.74 4.63
CA LEU B 161 -14.32 11.54 5.30
C LEU B 161 -15.09 10.26 4.96
N LYS B 162 -16.42 10.35 4.85
CA LYS B 162 -17.24 9.22 4.38
C LYS B 162 -16.73 8.77 3.03
N TYR B 163 -16.64 9.71 2.08
CA TYR B 163 -16.17 9.43 0.72
C TYR B 163 -14.79 8.81 0.70
N MET B 164 -13.87 9.37 1.47
CA MET B 164 -12.48 8.91 1.42
C MET B 164 -12.19 7.63 2.22
N ASP B 165 -13.04 7.26 3.18
CA ASP B 165 -12.75 6.05 3.98
C ASP B 165 -12.82 4.78 3.12
N GLY B 166 -11.98 3.82 3.47
CA GLY B 166 -11.75 2.64 2.63
C GLY B 166 -10.61 2.82 1.64
N SER B 167 -10.20 4.06 1.39
CA SER B 167 -9.21 4.34 0.34
C SER B 167 -7.73 4.21 0.77
N GLN B 168 -7.48 3.50 1.88
CA GLN B 168 -6.13 3.49 2.46
C GLN B 168 -5.16 2.74 1.57
N ARG B 169 -3.99 3.32 1.41
CA ARG B 169 -2.95 2.80 0.53
C ARG B 169 -3.25 2.96 -0.98
N PHE B 170 -4.43 3.50 -1.32
CA PHE B 170 -4.71 4.02 -2.67
C PHE B 170 -5.49 5.35 -2.61
N VAL B 171 -5.18 6.17 -1.60
CA VAL B 171 -5.82 7.49 -1.36
C VAL B 171 -5.93 8.40 -2.61
N ASP B 172 -4.78 8.57 -3.29
CA ASP B 172 -4.66 9.38 -4.53
C ASP B 172 -5.63 9.02 -5.66
N VAL B 173 -6.02 7.75 -5.77
CA VAL B 173 -6.92 7.34 -6.81
C VAL B 173 -8.30 7.80 -6.43
N ARG B 174 -8.74 7.44 -5.23
CA ARG B 174 -10.04 7.80 -4.73
C ARG B 174 -10.21 9.32 -4.77
N PHE B 175 -9.24 10.02 -4.18
CA PHE B 175 -9.19 11.50 -4.20
C PHE B 175 -9.27 12.12 -5.60
N SER B 176 -8.61 11.51 -6.56
CA SER B 176 -8.57 12.06 -7.90
C SER B 176 -9.84 11.73 -8.64
N ARG B 177 -10.48 10.62 -8.31
CA ARG B 177 -11.74 10.29 -8.95
C ARG B 177 -12.88 11.18 -8.48
N TYR B 178 -12.79 11.63 -7.23
CA TYR B 178 -13.72 12.62 -6.72
C TYR B 178 -13.73 13.85 -7.62
N MET B 179 -12.53 14.32 -7.97
CA MET B 179 -12.36 15.51 -8.79
C MET B 179 -12.94 15.31 -10.16
N LEU B 180 -12.70 14.14 -10.75
CA LEU B 180 -13.32 13.79 -12.05
C LEU B 180 -14.85 13.81 -11.93
N GLU B 181 -15.39 13.06 -10.98
CA GLU B 181 -16.86 12.98 -10.77
C GLU B 181 -17.52 14.36 -10.61
N ASN B 182 -16.87 15.27 -9.88
CA ASN B 182 -17.44 16.59 -9.60
C ASN B 182 -16.96 17.67 -10.55
N GLU B 183 -16.22 17.27 -11.58
CA GLU B 183 -15.87 18.12 -12.72
C GLU B 183 -14.78 19.14 -12.36
N ILE B 184 -13.98 18.81 -11.36
CA ILE B 184 -12.84 19.62 -10.99
C ILE B 184 -11.65 19.15 -11.81
N GLY B 185 -10.90 20.11 -12.35
CA GLY B 185 -9.68 19.83 -13.10
C GLY B 185 -8.52 19.73 -12.16
N MET B 186 -7.51 19.00 -12.58
CA MET B 186 -6.29 18.84 -11.82
C MET B 186 -5.09 19.29 -12.65
N ILE B 187 -4.42 20.34 -12.16
CA ILE B 187 -3.25 20.92 -12.81
C ILE B 187 -1.99 20.59 -12.03
N CYS B 188 -0.97 20.10 -12.75
CA CYS B 188 0.36 19.84 -12.19
C CYS B 188 1.20 21.05 -12.51
N VAL B 189 1.55 21.83 -11.49
CA VAL B 189 2.07 23.18 -11.72
C VAL B 189 3.58 23.24 -11.90
N PRO B 190 4.05 24.30 -12.60
CA PRO B 190 5.49 24.41 -12.81
C PRO B 190 6.25 24.78 -11.55
N ARG B 191 7.53 24.39 -11.53
CA ARG B 191 8.43 24.62 -10.42
C ARG B 191 9.82 24.27 -10.89
N GLU B 192 10.82 24.82 -10.21
CA GLU B 192 12.21 24.50 -10.52
C GLU B 192 12.56 23.10 -10.00
N LYS B 193 13.73 22.62 -10.40
CA LYS B 193 14.23 21.31 -9.95
C LYS B 193 14.42 21.37 -8.43
N ASN B 194 14.07 20.30 -7.73
CA ASN B 194 14.26 20.17 -6.26
C ASN B 194 13.71 21.34 -5.46
N TRP B 195 12.52 21.81 -5.83
CA TRP B 195 11.84 22.91 -5.12
C TRP B 195 11.32 22.40 -3.76
N LEU B 196 10.85 21.16 -3.78
CA LEU B 196 10.55 20.39 -2.59
C LEU B 196 11.61 19.31 -2.52
N ARG B 197 11.80 18.74 -1.33
CA ARG B 197 12.67 17.59 -1.11
C ARG B 197 12.14 16.74 0.03
N GLU B 198 12.53 15.47 0.09
CA GLU B 198 12.14 14.66 1.23
C GLU B 198 13.05 14.98 2.42
N VAL B 199 12.60 14.66 3.62
CA VAL B 199 13.31 14.94 4.88
C VAL B 199 14.47 13.93 5.07
N SER B 200 15.41 14.17 5.99
CA SER B 200 16.58 13.29 6.20
C SER B 200 16.65 12.71 7.64
N SER B 201 17.82 12.16 8.03
CA SER B 201 18.09 11.69 9.43
C SER B 201 19.59 11.71 9.86
N GLY B 202 19.96 12.62 10.76
CA GLY B 202 21.36 12.91 11.10
C GLY B 202 21.96 13.95 10.16
N SER B 203 21.18 15.01 9.88
CA SER B 203 21.39 15.94 8.72
C SER B 203 21.66 17.43 9.02
N MET B 204 22.87 17.85 8.78
CA MET B 204 23.09 19.21 8.89
C MET B 204 22.97 19.60 7.45
N GLU B 205 21.84 20.24 7.22
CA GLU B 205 21.44 20.76 5.94
C GLU B 205 21.13 22.15 6.25
N GLY B 206 20.03 22.39 6.93
CA GLY B 206 19.68 23.73 7.31
C GLY B 206 20.19 24.04 8.70
#